data_1UK7
#
_entry.id   1UK7
#
_cell.length_a   76.910
_cell.length_b   116.322
_cell.length_c   78.542
_cell.angle_alpha   90.00
_cell.angle_beta   90.00
_cell.angle_gamma   90.00
#
_symmetry.space_group_name_H-M   'C 2 2 21'
#
loop_
_entity.id
_entity.type
_entity.pdbx_description
1 polymer '2-hydroxy-6-oxo-7-methylocta-2,4-dienoate hydrolase'
2 non-polymer 'butanoic acid'
3 water water
#
_entity_poly.entity_id   1
_entity_poly.type   'polypeptide(L)'
_entity_poly.pdbx_seq_one_letter_code
;MANLEIGKSILAAGVLTNYHDVGEGQPVILIHGSGPGVSAYANWRLTIPALSKFYRVIAPDMVGFGFTDRPENYNYSKDS
WVDHIIGIMDALEIEKAHIVGNAFGGGLAIATALRYSERVDRMVLMGAAGTRFDVTEGLNAVWGYTPSIENMRNLLDIFA
YDRSLVTDELARLRYEASIQPGFQESFSSMFPEPRQRWIDALASSDEDIKTLPNETLIIHGREDQVVPLSSSLRLGELID
RAQLHVFGRCGHWTQIEQTDRFNRLVVEFFNEANTPKLVGRP
;
_entity_poly.pdbx_strand_id   A
#
# COMPACT_ATOMS: atom_id res chain seq x y z
N ASN A 3 -19.45 -2.29 9.92
CA ASN A 3 -17.99 -2.43 9.64
C ASN A 3 -17.51 -1.21 8.87
N LEU A 4 -16.73 -0.35 9.54
CA LEU A 4 -16.21 0.87 8.94
C LEU A 4 -15.27 0.62 7.77
N GLU A 5 -14.81 -0.62 7.60
CA GLU A 5 -13.91 -0.95 6.51
C GLU A 5 -14.68 -1.02 5.19
N ILE A 6 -16.00 -1.14 5.30
CA ILE A 6 -16.84 -1.19 4.12
C ILE A 6 -17.27 0.25 3.85
N GLY A 7 -17.01 0.74 2.65
CA GLY A 7 -17.37 2.11 2.33
C GLY A 7 -18.39 2.21 1.20
N LYS A 8 -17.98 2.82 0.10
CA LYS A 8 -18.84 2.98 -1.07
C LYS A 8 -18.48 1.89 -2.07
N SER A 9 -19.35 1.70 -3.05
CA SER A 9 -19.13 0.68 -4.07
C SER A 9 -19.21 1.26 -5.47
N ILE A 10 -18.32 0.82 -6.35
CA ILE A 10 -18.32 1.30 -7.73
C ILE A 10 -17.69 0.26 -8.64
N LEU A 11 -18.18 0.20 -9.88
CA LEU A 11 -17.63 -0.75 -10.85
C LEU A 11 -16.37 -0.13 -11.43
N ALA A 12 -15.25 -0.81 -11.27
CA ALA A 12 -13.97 -0.32 -11.78
C ALA A 12 -13.22 -1.44 -12.47
N ALA A 13 -12.88 -1.23 -13.75
CA ALA A 13 -12.18 -2.25 -14.52
C ALA A 13 -12.96 -3.55 -14.48
N GLY A 14 -14.28 -3.45 -14.45
CA GLY A 14 -15.13 -4.62 -14.43
C GLY A 14 -15.28 -5.31 -13.09
N VAL A 15 -14.70 -4.73 -12.04
CA VAL A 15 -14.77 -5.32 -10.71
C VAL A 15 -15.50 -4.42 -9.72
N LEU A 16 -16.48 -4.98 -9.01
CA LEU A 16 -17.22 -4.20 -8.03
C LEU A 16 -16.20 -3.89 -6.94
N THR A 17 -15.94 -2.60 -6.75
CA THR A 17 -14.92 -2.15 -5.83
C THR A 17 -15.37 -1.36 -4.60
N ASN A 18 -14.83 -1.74 -3.44
CA ASN A 18 -15.13 -1.06 -2.19
C ASN A 18 -14.11 0.06 -2.06
N TYR A 19 -14.56 1.27 -1.74
CA TYR A 19 -13.64 2.38 -1.60
C TYR A 19 -14.16 3.49 -0.71
N HIS A 20 -13.23 4.35 -0.29
CA HIS A 20 -13.57 5.48 0.54
C HIS A 20 -13.24 6.71 -0.28
N ASP A 21 -14.05 7.76 -0.11
CA ASP A 21 -13.87 8.99 -0.87
C ASP A 21 -14.24 10.12 0.09
N VAL A 22 -13.23 10.83 0.58
CA VAL A 22 -13.43 11.92 1.53
C VAL A 22 -12.63 13.17 1.15
N GLY A 23 -13.28 14.33 1.24
CA GLY A 23 -12.61 15.57 0.91
C GLY A 23 -12.90 16.12 -0.47
N GLU A 24 -12.40 17.32 -0.74
CA GLU A 24 -12.59 17.97 -2.02
C GLU A 24 -11.30 18.60 -2.52
N GLY A 25 -11.21 18.83 -3.83
CA GLY A 25 -10.02 19.43 -4.39
C GLY A 25 -9.14 18.47 -5.18
N GLN A 26 -7.83 18.72 -5.15
CA GLN A 26 -6.89 17.87 -5.86
C GLN A 26 -7.00 16.42 -5.39
N PRO A 27 -7.16 15.48 -6.32
CA PRO A 27 -7.28 14.06 -5.95
C PRO A 27 -5.98 13.38 -5.52
N VAL A 28 -6.10 12.53 -4.52
CA VAL A 28 -4.97 11.77 -3.98
C VAL A 28 -5.47 10.34 -3.82
N ILE A 29 -4.76 9.39 -4.44
CA ILE A 29 -5.15 7.98 -4.35
C ILE A 29 -4.24 7.29 -3.34
N LEU A 30 -4.84 6.65 -2.34
CA LEU A 30 -4.06 5.93 -1.34
C LEU A 30 -4.17 4.45 -1.65
N ILE A 31 -3.03 3.76 -1.80
CA ILE A 31 -3.02 2.33 -2.10
C ILE A 31 -2.41 1.55 -0.95
N HIS A 32 -3.21 0.69 -0.32
CA HIS A 32 -2.80 -0.11 0.83
C HIS A 32 -1.76 -1.21 0.56
N GLY A 33 -1.31 -1.84 1.65
CA GLY A 33 -0.33 -2.91 1.57
C GLY A 33 -0.95 -4.27 1.29
N SER A 34 -0.17 -5.34 1.47
CA SER A 34 -0.67 -6.69 1.16
C SER A 34 -0.68 -7.73 2.28
N GLY A 35 -0.88 -7.30 3.52
CA GLY A 35 -0.91 -8.26 4.60
C GLY A 35 -2.27 -8.92 4.75
N PRO A 36 -2.37 -9.97 5.57
CA PRO A 36 -3.66 -10.65 5.75
C PRO A 36 -4.67 -9.73 6.45
N GLY A 37 -5.87 -9.66 5.89
CA GLY A 37 -6.91 -8.82 6.46
C GLY A 37 -6.80 -7.34 6.13
N VAL A 38 -5.79 -6.98 5.35
CA VAL A 38 -5.59 -5.58 4.99
C VAL A 38 -6.75 -5.00 4.17
N SER A 39 -6.99 -3.72 4.34
CA SER A 39 -8.04 -3.03 3.59
C SER A 39 -7.63 -1.57 3.54
N ALA A 40 -8.27 -0.79 2.68
CA ALA A 40 -7.95 0.62 2.56
C ALA A 40 -8.20 1.36 3.89
N TYR A 41 -9.32 1.07 4.54
CA TYR A 41 -9.63 1.74 5.79
C TYR A 41 -8.64 1.36 6.89
N ALA A 42 -8.35 0.07 7.00
CA ALA A 42 -7.43 -0.41 8.02
C ALA A 42 -6.06 0.27 7.94
N ASN A 43 -5.59 0.45 6.71
CA ASN A 43 -4.29 1.08 6.48
C ASN A 43 -4.31 2.60 6.60
N TRP A 44 -5.39 3.22 6.14
CA TRP A 44 -5.45 4.68 6.09
C TRP A 44 -6.37 5.46 7.01
N ARG A 45 -7.00 4.79 7.97
CA ARG A 45 -7.93 5.45 8.89
C ARG A 45 -7.36 6.68 9.61
N LEU A 46 -6.05 6.69 9.85
CA LEU A 46 -5.43 7.82 10.54
C LEU A 46 -4.82 8.83 9.59
N THR A 47 -4.83 8.50 8.30
CA THR A 47 -4.27 9.38 7.28
C THR A 47 -5.34 10.20 6.55
N ILE A 48 -6.44 9.56 6.21
CA ILE A 48 -7.53 10.21 5.50
C ILE A 48 -8.05 11.48 6.18
N PRO A 49 -8.29 11.44 7.50
CA PRO A 49 -8.79 12.63 8.18
C PRO A 49 -7.90 13.86 8.02
N ALA A 50 -6.59 13.65 8.09
CA ALA A 50 -5.62 14.74 7.93
C ALA A 50 -5.56 15.27 6.51
N LEU A 51 -5.40 14.36 5.55
CA LEU A 51 -5.30 14.76 4.14
C LEU A 51 -6.59 15.31 3.55
N SER A 52 -7.72 14.75 3.95
CA SER A 52 -9.02 15.18 3.41
C SER A 52 -9.38 16.63 3.73
N LYS A 53 -8.59 17.27 4.59
CA LYS A 53 -8.87 18.65 4.94
C LYS A 53 -8.38 19.57 3.84
N PHE A 54 -7.51 19.04 2.98
CA PHE A 54 -6.93 19.83 1.90
C PHE A 54 -7.01 19.17 0.52
N TYR A 55 -7.35 17.89 0.49
CA TYR A 55 -7.43 17.15 -0.76
C TYR A 55 -8.63 16.22 -0.81
N ARG A 56 -8.93 15.72 -2.01
CA ARG A 56 -10.00 14.75 -2.15
C ARG A 56 -9.24 13.42 -2.06
N VAL A 57 -9.52 12.66 -1.01
CA VAL A 57 -8.81 11.40 -0.79
C VAL A 57 -9.60 10.16 -1.19
N ILE A 58 -9.02 9.38 -2.10
CA ILE A 58 -9.66 8.15 -2.56
C ILE A 58 -8.83 6.97 -2.09
N ALA A 59 -9.46 6.07 -1.34
CA ALA A 59 -8.78 4.89 -0.82
C ALA A 59 -9.60 3.64 -1.12
N PRO A 60 -9.21 2.91 -2.19
CA PRO A 60 -9.91 1.68 -2.60
C PRO A 60 -9.27 0.38 -2.12
N ASP A 61 -10.09 -0.65 -2.01
CA ASP A 61 -9.57 -1.97 -1.64
C ASP A 61 -9.16 -2.57 -2.97
N MET A 62 -7.89 -2.91 -3.12
CA MET A 62 -7.42 -3.50 -4.37
C MET A 62 -8.04 -4.87 -4.56
N VAL A 63 -8.35 -5.24 -5.81
CA VAL A 63 -8.96 -6.53 -6.08
C VAL A 63 -8.14 -7.67 -5.45
N GLY A 64 -8.83 -8.52 -4.72
CA GLY A 64 -8.17 -9.63 -4.03
C GLY A 64 -8.00 -9.34 -2.56
N PHE A 65 -8.24 -8.08 -2.17
CA PHE A 65 -8.10 -7.64 -0.79
C PHE A 65 -9.36 -6.93 -0.32
N GLY A 66 -9.48 -6.78 0.99
CA GLY A 66 -10.62 -6.09 1.56
C GLY A 66 -12.00 -6.56 1.12
N PHE A 67 -12.89 -5.60 0.90
CA PHE A 67 -14.27 -5.92 0.53
C PHE A 67 -14.61 -5.75 -0.94
N THR A 68 -13.58 -5.63 -1.76
CA THR A 68 -13.79 -5.52 -3.20
C THR A 68 -14.08 -6.95 -3.65
N ASP A 69 -14.84 -7.09 -4.74
CA ASP A 69 -15.16 -8.42 -5.26
C ASP A 69 -13.92 -9.21 -5.59
N ARG A 70 -14.00 -10.53 -5.40
CA ARG A 70 -12.90 -11.43 -5.71
C ARG A 70 -13.43 -12.32 -6.84
N PRO A 71 -13.27 -11.86 -8.10
CA PRO A 71 -13.72 -12.59 -9.29
C PRO A 71 -13.20 -14.01 -9.37
N GLU A 72 -14.09 -14.93 -9.75
CA GLU A 72 -13.70 -16.33 -9.89
C GLU A 72 -12.66 -16.46 -10.99
N ASN A 73 -11.59 -17.19 -10.70
CA ASN A 73 -10.51 -17.41 -11.66
C ASN A 73 -9.85 -16.10 -12.11
N TYR A 74 -9.84 -15.10 -11.23
CA TYR A 74 -9.22 -13.82 -11.57
C TYR A 74 -7.71 -14.00 -11.67
N ASN A 75 -7.11 -13.37 -12.68
CA ASN A 75 -5.66 -13.46 -12.88
C ASN A 75 -4.96 -12.27 -12.25
N TYR A 76 -4.50 -12.46 -11.00
CA TYR A 76 -3.81 -11.42 -10.27
C TYR A 76 -2.40 -11.22 -10.81
N SER A 77 -2.02 -9.96 -11.00
CA SER A 77 -0.70 -9.63 -11.51
C SER A 77 -0.45 -8.15 -11.33
N LYS A 78 0.80 -7.73 -11.46
CA LYS A 78 1.15 -6.33 -11.31
C LYS A 78 0.34 -5.53 -12.31
N ASP A 79 0.30 -6.00 -13.56
CA ASP A 79 -0.45 -5.31 -14.60
C ASP A 79 -1.95 -5.25 -14.37
N SER A 80 -2.54 -6.32 -13.83
CA SER A 80 -3.97 -6.33 -13.55
C SER A 80 -4.31 -5.37 -12.43
N TRP A 81 -3.43 -5.29 -11.43
CA TRP A 81 -3.66 -4.37 -10.32
C TRP A 81 -3.55 -2.94 -10.81
N VAL A 82 -2.60 -2.68 -11.71
CA VAL A 82 -2.46 -1.34 -12.26
C VAL A 82 -3.74 -1.04 -13.04
N ASP A 83 -4.25 -2.03 -13.78
CA ASP A 83 -5.49 -1.85 -14.53
C ASP A 83 -6.62 -1.49 -13.58
N HIS A 84 -6.63 -2.10 -12.40
CA HIS A 84 -7.67 -1.81 -11.42
C HIS A 84 -7.57 -0.37 -10.94
N ILE A 85 -6.35 0.09 -10.64
CA ILE A 85 -6.15 1.46 -10.19
C ILE A 85 -6.65 2.44 -11.24
N ILE A 86 -6.27 2.22 -12.50
CA ILE A 86 -6.70 3.09 -13.57
C ILE A 86 -8.20 3.01 -13.75
N GLY A 87 -8.76 1.81 -13.57
CA GLY A 87 -10.19 1.63 -13.70
C GLY A 87 -10.94 2.43 -12.66
N ILE A 88 -10.37 2.50 -11.46
CA ILE A 88 -10.97 3.24 -10.36
C ILE A 88 -10.93 4.73 -10.69
N MET A 89 -9.78 5.19 -11.18
CA MET A 89 -9.62 6.59 -11.56
C MET A 89 -10.59 6.93 -12.70
N ASP A 90 -10.68 6.07 -13.69
CA ASP A 90 -11.60 6.30 -14.82
C ASP A 90 -13.04 6.39 -14.32
N ALA A 91 -13.43 5.43 -13.48
CA ALA A 91 -14.79 5.41 -12.94
C ALA A 91 -15.16 6.67 -12.17
N LEU A 92 -14.17 7.31 -11.55
CA LEU A 92 -14.41 8.52 -10.78
C LEU A 92 -14.05 9.80 -11.51
N GLU A 93 -13.74 9.68 -12.80
CA GLU A 93 -13.39 10.84 -13.63
C GLU A 93 -12.16 11.56 -13.07
N ILE A 94 -11.24 10.79 -12.49
CA ILE A 94 -10.00 11.33 -11.93
C ILE A 94 -8.97 11.25 -13.06
N GLU A 95 -8.73 12.38 -13.73
CA GLU A 95 -7.81 12.41 -14.86
C GLU A 95 -6.33 12.35 -14.48
N LYS A 96 -5.98 12.98 -13.37
CA LYS A 96 -4.61 12.98 -12.90
C LYS A 96 -4.66 13.11 -11.39
N ALA A 97 -3.84 12.33 -10.70
CA ALA A 97 -3.84 12.37 -9.24
C ALA A 97 -2.49 12.05 -8.63
N HIS A 98 -2.33 12.43 -7.37
CA HIS A 98 -1.10 12.12 -6.64
C HIS A 98 -1.39 10.72 -6.13
N ILE A 99 -0.35 9.95 -5.85
CA ILE A 99 -0.56 8.61 -5.35
C ILE A 99 0.37 8.32 -4.18
N VAL A 100 -0.21 7.72 -3.13
CA VAL A 100 0.54 7.33 -1.95
C VAL A 100 0.46 5.81 -1.95
N GLY A 101 1.60 5.15 -2.13
CA GLY A 101 1.61 3.69 -2.15
C GLY A 101 2.32 3.08 -0.97
N ASN A 102 1.60 2.28 -0.20
CA ASN A 102 2.17 1.63 0.96
C ASN A 102 2.64 0.20 0.66
N ALA A 103 3.96 0.02 0.67
CA ALA A 103 4.60 -1.27 0.43
C ALA A 103 4.14 -1.87 -0.89
N PHE A 104 3.29 -2.90 -0.83
CA PHE A 104 2.74 -3.53 -2.02
C PHE A 104 2.18 -2.41 -2.90
N GLY A 105 1.46 -1.48 -2.28
CA GLY A 105 0.87 -0.37 -3.00
C GLY A 105 1.89 0.56 -3.63
N GLY A 106 3.09 0.60 -3.06
CA GLY A 106 4.14 1.46 -3.59
C GLY A 106 4.64 0.87 -4.89
N GLY A 107 4.66 -0.46 -4.95
CA GLY A 107 5.12 -1.12 -6.16
C GLY A 107 4.12 -0.83 -7.27
N LEU A 108 2.84 -0.89 -6.91
CA LEU A 108 1.78 -0.62 -7.88
C LEU A 108 1.80 0.85 -8.33
N ALA A 109 2.16 1.73 -7.41
CA ALA A 109 2.23 3.17 -7.73
C ALA A 109 3.32 3.40 -8.78
N ILE A 110 4.49 2.80 -8.55
CA ILE A 110 5.59 2.94 -9.50
C ILE A 110 5.17 2.38 -10.86
N ALA A 111 4.55 1.20 -10.85
CA ALA A 111 4.12 0.57 -12.10
C ALA A 111 3.06 1.40 -12.82
N THR A 112 2.18 2.05 -12.06
CA THR A 112 1.13 2.86 -12.65
C THR A 112 1.73 4.11 -13.29
N ALA A 113 2.71 4.71 -12.61
CA ALA A 113 3.37 5.91 -13.12
C ALA A 113 4.17 5.61 -14.39
N LEU A 114 4.62 4.37 -14.54
CA LEU A 114 5.39 3.98 -15.71
C LEU A 114 4.52 3.70 -16.92
N ARG A 115 3.37 3.04 -16.71
CA ARG A 115 2.45 2.73 -17.80
C ARG A 115 1.48 3.85 -18.14
N TYR A 116 1.15 4.67 -17.14
CA TYR A 116 0.22 5.78 -17.31
C TYR A 116 0.80 7.06 -16.74
N SER A 117 1.98 7.44 -17.23
CA SER A 117 2.65 8.64 -16.74
C SER A 117 1.75 9.88 -16.72
N GLU A 118 0.91 10.03 -17.74
CA GLU A 118 0.04 11.20 -17.80
C GLU A 118 -1.04 11.24 -16.71
N ARG A 119 -1.31 10.11 -16.07
CA ARG A 119 -2.34 10.05 -15.03
C ARG A 119 -1.80 10.25 -13.63
N VAL A 120 -0.47 10.25 -13.47
CA VAL A 120 0.13 10.39 -12.15
C VAL A 120 0.93 11.66 -11.95
N ASP A 121 0.67 12.37 -10.85
CA ASP A 121 1.38 13.61 -10.55
C ASP A 121 2.50 13.29 -9.57
N ARG A 122 2.32 13.61 -8.31
CA ARG A 122 3.36 13.32 -7.32
C ARG A 122 3.11 11.96 -6.67
N MET A 123 4.18 11.34 -6.18
CA MET A 123 4.09 10.03 -5.54
C MET A 123 4.78 9.98 -4.19
N VAL A 124 4.18 9.21 -3.28
CA VAL A 124 4.75 8.99 -1.96
C VAL A 124 4.85 7.47 -1.91
N LEU A 125 6.06 6.97 -1.68
CA LEU A 125 6.29 5.54 -1.63
C LEU A 125 6.77 5.18 -0.23
N MET A 126 5.98 4.38 0.49
CA MET A 126 6.29 3.98 1.86
C MET A 126 6.72 2.52 1.98
N GLY A 127 7.90 2.26 2.53
CA GLY A 127 8.40 0.89 2.67
C GLY A 127 7.95 0.11 1.45
N ALA A 128 8.05 0.78 0.32
CA ALA A 128 7.59 0.28 -0.97
C ALA A 128 8.25 -0.87 -1.69
N ALA A 129 7.42 -1.63 -2.38
CA ALA A 129 7.88 -2.71 -3.23
C ALA A 129 8.27 -1.89 -4.46
N GLY A 130 8.88 -2.51 -5.45
CA GLY A 130 9.28 -1.74 -6.62
C GLY A 130 10.67 -2.08 -7.11
N THR A 131 11.52 -2.55 -6.21
CA THR A 131 12.87 -2.95 -6.57
C THR A 131 13.04 -4.38 -6.11
N ARG A 132 14.01 -5.07 -6.69
CA ARG A 132 14.24 -6.45 -6.28
C ARG A 132 15.13 -6.46 -5.05
N PHE A 133 14.60 -7.00 -3.96
CA PHE A 133 15.35 -7.12 -2.73
C PHE A 133 15.16 -8.56 -2.29
N ASP A 134 16.12 -9.10 -1.53
CA ASP A 134 16.00 -10.47 -1.09
C ASP A 134 14.88 -10.63 -0.07
N VAL A 135 14.05 -11.65 -0.26
CA VAL A 135 12.93 -11.89 0.64
C VAL A 135 13.42 -11.95 2.08
N THR A 136 12.71 -11.26 2.96
CA THR A 136 13.05 -11.22 4.37
C THR A 136 12.22 -12.25 5.11
N GLU A 137 12.64 -12.64 6.31
CA GLU A 137 11.86 -13.59 7.08
C GLU A 137 10.55 -12.93 7.47
N GLY A 138 10.59 -11.61 7.67
CA GLY A 138 9.38 -10.88 8.01
C GLY A 138 8.36 -10.96 6.90
N LEU A 139 8.78 -10.72 5.67
CA LEU A 139 7.87 -10.78 4.55
C LEU A 139 7.39 -12.21 4.31
N ASN A 140 8.27 -13.18 4.48
CA ASN A 140 7.86 -14.56 4.26
C ASN A 140 6.81 -14.95 5.29
N ALA A 141 6.92 -14.39 6.49
CA ALA A 141 5.96 -14.69 7.55
C ALA A 141 4.63 -14.03 7.25
N VAL A 142 4.69 -12.78 6.78
CA VAL A 142 3.47 -12.04 6.44
C VAL A 142 2.69 -12.73 5.32
N TRP A 143 3.36 -12.99 4.20
CA TRP A 143 2.71 -13.64 3.08
C TRP A 143 2.37 -15.11 3.35
N GLY A 144 3.07 -15.73 4.31
CA GLY A 144 2.80 -17.12 4.62
C GLY A 144 1.83 -17.31 5.78
N TYR A 145 1.18 -16.23 6.18
CA TYR A 145 0.23 -16.27 7.29
C TYR A 145 -0.89 -17.29 7.14
N THR A 146 -1.20 -17.97 8.24
CA THR A 146 -2.31 -18.90 8.35
C THR A 146 -3.00 -18.32 9.59
N PRO A 147 -4.34 -18.29 9.61
CA PRO A 147 -5.10 -17.74 10.73
C PRO A 147 -4.95 -18.30 12.15
N SER A 148 -4.74 -17.37 13.08
CA SER A 148 -4.65 -17.66 14.51
C SER A 148 -4.33 -16.34 15.20
N ILE A 149 -4.82 -16.14 16.41
CA ILE A 149 -4.54 -14.89 17.11
C ILE A 149 -3.05 -14.75 17.38
N GLU A 150 -2.38 -15.87 17.64
CA GLU A 150 -0.94 -15.85 17.91
C GLU A 150 -0.15 -15.53 16.64
N ASN A 151 -0.58 -16.07 15.50
CA ASN A 151 0.11 -15.78 14.24
C ASN A 151 -0.08 -14.32 13.87
N MET A 152 -1.26 -13.79 14.15
CA MET A 152 -1.51 -12.39 13.84
C MET A 152 -0.72 -11.49 14.78
N ARG A 153 -0.61 -11.90 16.04
CA ARG A 153 0.15 -11.11 17.01
C ARG A 153 1.61 -11.03 16.55
N ASN A 154 2.14 -12.15 16.06
CA ASN A 154 3.51 -12.19 15.57
C ASN A 154 3.68 -11.27 14.38
N LEU A 155 2.72 -11.26 13.46
CA LEU A 155 2.82 -10.39 12.29
C LEU A 155 2.78 -8.94 12.70
N LEU A 156 1.91 -8.62 13.64
CA LEU A 156 1.80 -7.24 14.11
C LEU A 156 3.13 -6.83 14.73
N ASP A 157 3.77 -7.75 15.46
CA ASP A 157 5.06 -7.46 16.08
C ASP A 157 6.11 -7.21 15.00
N ILE A 158 6.01 -7.94 13.89
CA ILE A 158 6.94 -7.78 12.78
C ILE A 158 6.80 -6.40 12.13
N PHE A 159 5.58 -5.89 12.10
CA PHE A 159 5.32 -4.58 11.51
C PHE A 159 5.72 -3.42 12.42
N ALA A 160 5.54 -3.61 13.72
CA ALA A 160 5.82 -2.56 14.70
C ALA A 160 7.22 -2.47 15.28
N TYR A 161 7.61 -1.25 15.65
CA TYR A 161 8.88 -1.01 16.30
C TYR A 161 8.57 -1.14 17.80
N ASP A 162 7.52 -0.45 18.22
CA ASP A 162 7.09 -0.47 19.62
C ASP A 162 6.01 -1.51 19.81
N ARG A 163 6.41 -2.69 20.24
CA ARG A 163 5.49 -3.81 20.44
C ARG A 163 4.40 -3.56 21.47
N SER A 164 4.54 -2.52 22.28
CA SER A 164 3.54 -2.21 23.30
C SER A 164 2.23 -1.84 22.63
N LEU A 165 2.30 -1.47 21.36
CA LEU A 165 1.11 -1.09 20.61
C LEU A 165 0.33 -2.32 20.16
N VAL A 166 0.98 -3.47 20.19
CA VAL A 166 0.33 -4.72 19.79
C VAL A 166 -0.37 -5.33 21.00
N THR A 167 -1.67 -5.09 21.10
CA THR A 167 -2.46 -5.60 22.22
C THR A 167 -3.23 -6.85 21.83
N ASP A 168 -3.74 -7.58 22.81
CA ASP A 168 -4.50 -8.78 22.56
C ASP A 168 -5.74 -8.43 21.74
N GLU A 169 -6.33 -7.28 22.06
CA GLU A 169 -7.52 -6.82 21.34
C GLU A 169 -7.21 -6.56 19.86
N LEU A 170 -6.08 -5.92 19.59
CA LEU A 170 -5.71 -5.63 18.21
C LEU A 170 -5.45 -6.92 17.43
N ALA A 171 -4.72 -7.85 18.03
CA ALA A 171 -4.44 -9.12 17.37
C ALA A 171 -5.74 -9.85 17.10
N ARG A 172 -6.65 -9.82 18.07
CA ARG A 172 -7.95 -10.47 17.93
C ARG A 172 -8.78 -9.84 16.82
N LEU A 173 -8.81 -8.51 16.77
CA LEU A 173 -9.58 -7.82 15.74
C LEU A 173 -9.04 -8.07 14.34
N ARG A 174 -7.72 -8.06 14.19
CA ARG A 174 -7.14 -8.30 12.86
C ARG A 174 -7.27 -9.77 12.49
N TYR A 175 -7.24 -10.66 13.49
CA TYR A 175 -7.40 -12.08 13.21
C TYR A 175 -8.80 -12.25 12.63
N GLU A 176 -9.79 -11.63 13.27
CA GLU A 176 -11.16 -11.71 12.80
C GLU A 176 -11.28 -11.15 11.39
N ALA A 177 -10.57 -10.08 11.09
CA ALA A 177 -10.63 -9.49 9.75
C ALA A 177 -10.06 -10.48 8.74
N SER A 178 -9.00 -11.20 9.14
CA SER A 178 -8.35 -12.14 8.26
C SER A 178 -9.14 -13.41 7.92
N ILE A 179 -10.14 -13.75 8.75
CA ILE A 179 -10.91 -14.96 8.47
C ILE A 179 -12.29 -14.66 7.87
N GLN A 180 -12.51 -13.44 7.41
CA GLN A 180 -13.79 -13.10 6.81
C GLN A 180 -13.95 -13.96 5.57
N PRO A 181 -15.20 -14.25 5.18
CA PRO A 181 -15.47 -15.08 4.00
C PRO A 181 -14.61 -14.76 2.78
N GLY A 182 -13.85 -15.77 2.33
CA GLY A 182 -13.02 -15.61 1.16
C GLY A 182 -11.68 -14.90 1.31
N PHE A 183 -11.48 -14.22 2.43
CA PHE A 183 -10.24 -13.48 2.66
C PHE A 183 -8.96 -14.32 2.68
N GLN A 184 -8.90 -15.32 3.57
CA GLN A 184 -7.71 -16.15 3.67
C GLN A 184 -7.50 -16.98 2.40
N GLU A 185 -8.60 -17.34 1.74
CA GLU A 185 -8.53 -18.12 0.53
C GLU A 185 -7.79 -17.38 -0.59
N SER A 186 -8.17 -16.12 -0.84
CA SER A 186 -7.52 -15.35 -1.88
C SER A 186 -6.11 -14.92 -1.45
N PHE A 187 -5.95 -14.68 -0.16
CA PHE A 187 -4.64 -14.26 0.35
C PHE A 187 -3.58 -15.36 0.21
N SER A 188 -3.91 -16.55 0.67
CA SER A 188 -2.97 -17.67 0.62
C SER A 188 -2.55 -18.06 -0.80
N SER A 189 -3.45 -17.86 -1.76
CA SER A 189 -3.13 -18.20 -3.15
C SER A 189 -2.52 -17.02 -3.90
N MET A 190 -2.37 -15.90 -3.21
CA MET A 190 -1.83 -14.70 -3.83
C MET A 190 -0.32 -14.70 -4.00
N PHE A 191 0.39 -15.06 -2.93
CA PHE A 191 1.85 -15.05 -2.93
C PHE A 191 2.47 -16.37 -2.48
N PRO A 192 2.13 -17.48 -3.18
CA PRO A 192 2.67 -18.79 -2.80
C PRO A 192 4.18 -18.96 -2.98
N GLU A 193 4.77 -19.84 -2.18
CA GLU A 193 6.21 -20.14 -2.23
C GLU A 193 6.60 -20.69 -3.60
N PRO A 194 7.79 -20.31 -4.11
CA PRO A 194 8.77 -19.40 -3.51
C PRO A 194 8.33 -17.95 -3.66
N ARG A 195 8.34 -17.21 -2.56
CA ARG A 195 7.87 -15.83 -2.59
C ARG A 195 8.77 -14.78 -3.23
N GLN A 196 10.04 -15.13 -3.48
CA GLN A 196 10.93 -14.16 -4.13
C GLN A 196 10.34 -13.80 -5.50
N ARG A 197 9.65 -14.75 -6.11
CA ARG A 197 9.03 -14.54 -7.41
C ARG A 197 8.10 -13.32 -7.43
N TRP A 198 7.36 -13.13 -6.35
CA TRP A 198 6.41 -12.03 -6.26
C TRP A 198 7.07 -10.69 -5.97
N ILE A 199 8.19 -10.70 -5.26
CA ILE A 199 8.91 -9.46 -5.00
C ILE A 199 9.42 -9.01 -6.36
N ASP A 200 9.98 -9.96 -7.10
CA ASP A 200 10.52 -9.68 -8.43
C ASP A 200 9.43 -9.25 -9.41
N ALA A 201 8.27 -9.88 -9.34
CA ALA A 201 7.16 -9.55 -10.23
C ALA A 201 6.59 -8.15 -9.97
N LEU A 202 6.58 -7.74 -8.70
CA LEU A 202 6.06 -6.43 -8.32
C LEU A 202 7.07 -5.32 -8.60
N ALA A 203 8.33 -5.70 -8.79
CA ALA A 203 9.38 -4.73 -9.05
C ALA A 203 9.37 -4.18 -10.48
N SER A 204 9.97 -3.00 -10.63
CA SER A 204 10.11 -2.35 -11.92
C SER A 204 11.61 -2.31 -12.14
N SER A 205 12.06 -2.35 -13.39
CA SER A 205 13.50 -2.35 -13.68
C SER A 205 14.16 -1.02 -13.33
N ASP A 206 15.46 -1.08 -13.04
CA ASP A 206 16.21 0.14 -12.72
C ASP A 206 16.06 1.12 -13.87
N GLU A 207 16.19 0.60 -15.08
CA GLU A 207 16.08 1.40 -16.30
C GLU A 207 14.76 2.16 -16.37
N ASP A 208 13.66 1.48 -16.12
CA ASP A 208 12.35 2.11 -16.16
C ASP A 208 12.16 3.14 -15.05
N ILE A 209 12.56 2.79 -13.83
CA ILE A 209 12.41 3.70 -12.71
C ILE A 209 13.19 5.00 -12.94
N LYS A 210 14.35 4.89 -13.58
CA LYS A 210 15.15 6.07 -13.87
C LYS A 210 14.44 7.06 -14.78
N THR A 211 13.44 6.60 -15.53
CA THR A 211 12.72 7.48 -16.45
C THR A 211 11.58 8.26 -15.79
N LEU A 212 11.26 7.93 -14.55
CA LEU A 212 10.17 8.62 -13.84
C LEU A 212 10.47 10.11 -13.62
N PRO A 213 9.57 10.98 -14.13
CA PRO A 213 9.76 12.42 -13.99
C PRO A 213 9.05 13.02 -12.79
N ASN A 214 8.30 12.20 -12.07
CA ASN A 214 7.50 12.66 -10.93
C ASN A 214 8.26 13.06 -9.67
N GLU A 215 7.79 14.14 -9.04
CA GLU A 215 8.37 14.57 -7.78
C GLU A 215 7.96 13.41 -6.89
N THR A 216 8.92 12.83 -6.17
CA THR A 216 8.63 11.67 -5.34
C THR A 216 9.17 11.80 -3.92
N LEU A 217 8.38 11.33 -2.95
CA LEU A 217 8.77 11.35 -1.55
C LEU A 217 8.80 9.89 -1.10
N ILE A 218 9.99 9.41 -0.76
CA ILE A 218 10.18 8.02 -0.33
C ILE A 218 10.28 8.02 1.21
N ILE A 219 9.43 7.23 1.85
CA ILE A 219 9.40 7.15 3.30
C ILE A 219 9.68 5.72 3.75
N HIS A 220 10.47 5.58 4.81
CA HIS A 220 10.82 4.25 5.30
C HIS A 220 11.13 4.27 6.80
N GLY A 221 10.82 3.17 7.47
CA GLY A 221 11.11 3.07 8.89
C GLY A 221 12.46 2.39 9.01
N ARG A 222 13.37 2.96 9.80
CA ARG A 222 14.70 2.39 9.95
C ARG A 222 14.67 0.92 10.32
N GLU A 223 13.80 0.56 11.25
CA GLU A 223 13.68 -0.81 11.71
C GLU A 223 12.74 -1.72 10.92
N ASP A 224 12.29 -1.28 9.75
CA ASP A 224 11.38 -2.09 8.93
C ASP A 224 11.90 -3.52 8.77
N GLN A 225 11.12 -4.49 9.25
CA GLN A 225 11.48 -5.90 9.18
C GLN A 225 10.90 -6.61 7.96
N VAL A 226 10.01 -5.95 7.24
CA VAL A 226 9.38 -6.55 6.07
C VAL A 226 10.10 -6.18 4.78
N VAL A 227 10.27 -4.89 4.54
CA VAL A 227 10.99 -4.42 3.36
C VAL A 227 12.21 -3.70 3.92
N PRO A 228 13.43 -4.13 3.53
CA PRO A 228 14.65 -3.50 4.02
C PRO A 228 14.84 -2.06 3.60
N LEU A 229 15.40 -1.25 4.50
CA LEU A 229 15.66 0.16 4.21
C LEU A 229 16.48 0.30 2.92
N SER A 230 17.38 -0.65 2.71
CA SER A 230 18.24 -0.64 1.54
C SER A 230 17.44 -0.54 0.24
N SER A 231 16.22 -1.05 0.24
CA SER A 231 15.38 -1.00 -0.96
C SER A 231 15.00 0.44 -1.25
N SER A 232 14.63 1.20 -0.23
CA SER A 232 14.26 2.60 -0.43
C SER A 232 15.49 3.43 -0.74
N LEU A 233 16.66 3.02 -0.24
CA LEU A 233 17.88 3.75 -0.55
C LEU A 233 18.12 3.60 -2.05
N ARG A 234 17.83 2.41 -2.57
CA ARG A 234 18.00 2.15 -4.00
C ARG A 234 17.01 2.99 -4.81
N LEU A 235 15.76 3.03 -4.37
CA LEU A 235 14.76 3.83 -5.08
C LEU A 235 15.16 5.29 -5.11
N GLY A 236 15.76 5.76 -4.01
CA GLY A 236 16.20 7.13 -3.92
C GLY A 236 17.33 7.48 -4.86
N GLU A 237 18.14 6.49 -5.23
CA GLU A 237 19.25 6.74 -6.14
C GLU A 237 18.77 6.66 -7.59
N LEU A 238 17.67 5.95 -7.81
CA LEU A 238 17.12 5.78 -9.16
C LEU A 238 16.18 6.90 -9.61
N ILE A 239 15.29 7.33 -8.71
CA ILE A 239 14.33 8.38 -9.06
C ILE A 239 15.00 9.75 -8.95
N ASP A 240 15.00 10.51 -10.04
CA ASP A 240 15.66 11.82 -10.04
C ASP A 240 15.10 12.85 -9.06
N ARG A 241 13.83 13.18 -9.15
CA ARG A 241 13.25 14.17 -8.26
C ARG A 241 12.73 13.50 -7.00
N ALA A 242 13.62 12.85 -6.28
CA ALA A 242 13.24 12.14 -5.08
C ALA A 242 13.79 12.71 -3.79
N GLN A 243 13.01 12.55 -2.74
CA GLN A 243 13.40 12.95 -1.39
C GLN A 243 13.21 11.67 -0.60
N LEU A 244 14.08 11.43 0.38
CA LEU A 244 13.95 10.25 1.21
C LEU A 244 13.82 10.69 2.65
N HIS A 245 12.84 10.15 3.35
CA HIS A 245 12.69 10.47 4.74
C HIS A 245 12.64 9.16 5.50
N VAL A 246 13.62 8.95 6.36
CA VAL A 246 13.69 7.73 7.15
C VAL A 246 13.39 8.04 8.61
N PHE A 247 12.42 7.31 9.17
CA PHE A 247 12.03 7.49 10.58
C PHE A 247 12.74 6.48 11.46
N GLY A 248 13.50 6.96 12.44
CA GLY A 248 14.15 6.05 13.37
C GLY A 248 13.06 5.62 14.34
N ARG A 249 13.25 4.48 14.99
CA ARG A 249 12.25 3.96 15.93
C ARG A 249 10.91 3.83 15.21
N CYS A 250 10.94 3.13 14.08
CA CYS A 250 9.73 2.95 13.29
C CYS A 250 9.88 1.74 12.38
N GLY A 251 8.82 0.94 12.32
CA GLY A 251 8.83 -0.25 11.49
C GLY A 251 8.16 -0.08 10.14
N HIS A 252 7.35 -1.08 9.77
CA HIS A 252 6.65 -1.11 8.49
C HIS A 252 5.30 -0.38 8.53
N TRP A 253 4.97 0.21 9.69
CA TRP A 253 3.71 0.96 9.88
C TRP A 253 4.01 2.47 9.96
N THR A 254 4.81 3.01 9.04
CA THR A 254 5.12 4.43 9.15
C THR A 254 3.93 5.37 9.33
N GLN A 255 2.83 5.11 8.64
CA GLN A 255 1.65 5.98 8.75
C GLN A 255 0.90 5.82 10.07
N ILE A 256 1.19 4.74 10.78
CA ILE A 256 0.53 4.48 12.06
C ILE A 256 1.45 4.75 13.25
N GLU A 257 2.72 4.41 13.13
CA GLU A 257 3.67 4.61 14.22
C GLU A 257 4.29 6.01 14.28
N GLN A 258 4.22 6.74 13.17
CA GLN A 258 4.75 8.12 13.09
C GLN A 258 3.69 8.96 12.38
N THR A 259 2.44 8.71 12.76
CA THR A 259 1.28 9.36 12.17
C THR A 259 1.36 10.87 11.94
N ASP A 260 1.55 11.64 13.01
CA ASP A 260 1.59 13.09 12.87
C ASP A 260 2.73 13.58 11.97
N ARG A 261 3.91 13.02 12.13
CA ARG A 261 5.05 13.41 11.31
C ARG A 261 4.78 13.04 9.84
N PHE A 262 4.25 11.84 9.64
CA PHE A 262 3.93 11.34 8.31
C PHE A 262 2.92 12.24 7.60
N ASN A 263 1.81 12.52 8.27
CA ASN A 263 0.77 13.36 7.70
C ASN A 263 1.28 14.76 7.33
N ARG A 264 2.09 15.35 8.21
CA ARG A 264 2.64 16.67 7.94
C ARG A 264 3.55 16.65 6.70
N LEU A 265 4.40 15.64 6.63
CA LEU A 265 5.32 15.50 5.49
C LEU A 265 4.56 15.35 4.18
N VAL A 266 3.57 14.48 4.17
CA VAL A 266 2.79 14.24 2.97
C VAL A 266 1.98 15.46 2.53
N VAL A 267 1.28 16.10 3.46
CA VAL A 267 0.47 17.26 3.10
C VAL A 267 1.33 18.39 2.53
N GLU A 268 2.47 18.67 3.15
CA GLU A 268 3.33 19.74 2.66
C GLU A 268 3.96 19.37 1.34
N PHE A 269 4.22 18.09 1.15
CA PHE A 269 4.81 17.62 -0.10
C PHE A 269 3.82 17.88 -1.22
N PHE A 270 2.56 17.53 -1.01
CA PHE A 270 1.54 17.75 -2.04
C PHE A 270 1.21 19.25 -2.17
N ASN A 271 1.27 19.98 -1.06
CA ASN A 271 0.99 21.43 -1.09
C ASN A 271 1.93 22.15 -2.04
N GLU A 272 3.15 21.63 -2.17
CA GLU A 272 4.16 22.23 -3.04
C GLU A 272 3.68 22.29 -4.49
N ALA A 273 2.90 21.29 -4.90
CA ALA A 273 2.39 21.21 -6.26
C ALA A 273 1.42 22.36 -6.56
#